data_4WJA
#
_entry.id   4WJA
#
_cell.length_a   91.825
_cell.length_b   91.825
_cell.length_c   152.468
_cell.angle_alpha   90.00
_cell.angle_beta   90.00
_cell.angle_gamma   120.00
#
_symmetry.space_group_name_H-M   'P 65 2 2'
#
loop_
_entity.id
_entity.type
_entity.pdbx_description
1 polymer 'Uncharacterized protein C9orf142'
2 water water
#
_entity_poly.entity_id   1
_entity_poly.type   'polypeptide(L)'
_entity_poly.pdbx_seq_one_letter_code
;MGSSHHHHHHSQGSEFMDPLSPPLCTLPPGPEPPRFVCYCEGEESGEGDRGGFNLYVTDAAELWSTCFTPDSLAALKARF
GLSAAEDITPRFRAACEQQAVALTLQEDRASLTLSGGPSALAFDLSKVPGPEAAPRLRALTLGLAKRVWSLERRLAAAEE
T
;
_entity_poly.pdbx_strand_id   A,B
#
# COMPACT_ATOMS: atom_id res chain seq x y z
N SER A 21 -9.73 -24.02 -3.70
CA SER A 21 -8.91 -23.20 -2.74
C SER A 21 -8.91 -21.70 -3.11
N PRO A 22 -10.01 -20.97 -2.77
CA PRO A 22 -10.03 -19.50 -2.92
C PRO A 22 -8.97 -18.87 -2.04
N PRO A 23 -8.07 -18.08 -2.65
CA PRO A 23 -6.89 -17.61 -1.94
C PRO A 23 -7.23 -16.71 -0.77
N LEU A 24 -6.32 -16.64 0.21
CA LEU A 24 -6.46 -15.74 1.37
C LEU A 24 -5.16 -15.63 2.12
N CYS A 25 -5.09 -14.70 3.07
CA CYS A 25 -3.94 -14.56 3.91
C CYS A 25 -4.31 -13.74 5.14
N THR A 26 -3.47 -13.81 6.16
CA THR A 26 -3.71 -13.07 7.41
C THR A 26 -2.48 -12.29 7.84
N LEU A 27 -2.71 -11.14 8.48
CA LEU A 27 -1.65 -10.28 8.96
C LEU A 27 -1.94 -9.84 10.40
N PRO A 28 -0.90 -9.40 11.25
CA PRO A 28 0.45 -9.34 10.64
C PRO A 28 1.08 -10.72 10.41
N PRO A 29 1.94 -10.81 9.40
CA PRO A 29 2.68 -12.04 9.10
C PRO A 29 3.20 -12.82 10.31
N PRO A 31 3.39 -15.08 12.55
CA PRO A 31 3.78 -15.65 13.83
C PRO A 31 3.27 -14.93 15.08
N GLU A 32 3.08 -13.62 15.02
CA GLU A 32 2.23 -12.94 16.02
C GLU A 32 0.77 -13.40 15.80
N PRO A 33 -0.16 -13.08 16.72
CA PRO A 33 -1.52 -13.56 16.45
C PRO A 33 -2.15 -12.77 15.28
N PRO A 34 -2.97 -13.46 14.46
CA PRO A 34 -3.62 -12.82 13.32
C PRO A 34 -4.75 -11.84 13.72
N ARG A 35 -4.77 -10.69 13.06
CA ARG A 35 -5.69 -9.64 13.38
C ARG A 35 -6.62 -9.29 12.23
N PHE A 36 -6.24 -9.71 11.01
CA PHE A 36 -7.06 -9.50 9.81
C PHE A 36 -6.91 -10.65 8.87
N VAL A 37 -7.97 -10.89 8.11
CA VAL A 37 -7.92 -11.83 7.00
C VAL A 37 -8.37 -11.11 5.73
N CYS A 38 -7.58 -11.29 4.68
CA CYS A 38 -7.87 -10.79 3.36
C CYS A 38 -8.22 -12.00 2.53
N TYR A 39 -9.25 -11.87 1.72
CA TYR A 39 -9.67 -12.94 0.81
C TYR A 39 -10.46 -12.36 -0.36
N CYS A 40 -10.84 -13.20 -1.31
CA CYS A 40 -11.63 -12.72 -2.44
C CYS A 40 -12.52 -13.81 -3.05
N GLU A 41 -13.67 -13.39 -3.56
CA GLU A 41 -14.52 -14.25 -4.37
C GLU A 41 -15.42 -13.39 -5.24
N GLY A 42 -15.89 -13.94 -6.37
CA GLY A 42 -15.37 -15.17 -6.94
C GLY A 42 -15.50 -15.05 -8.44
N GLU A 43 -14.66 -15.74 -9.21
CA GLU A 43 -14.81 -15.68 -10.67
C GLU A 43 -14.15 -16.89 -11.35
N GLY A 52 -19.95 -12.09 -9.06
CA GLY A 52 -18.92 -11.10 -9.31
C GLY A 52 -17.84 -10.96 -8.26
N PHE A 53 -16.65 -10.57 -8.74
CA PHE A 53 -15.39 -10.57 -8.01
C PHE A 53 -15.29 -9.41 -7.03
N ASN A 54 -14.79 -9.71 -5.83
CA ASN A 54 -14.44 -8.67 -4.89
C ASN A 54 -13.30 -9.13 -4.04
N LEU A 55 -12.53 -8.19 -3.50
CA LEU A 55 -11.66 -8.48 -2.40
C LEU A 55 -12.35 -8.06 -1.10
N TYR A 56 -12.05 -8.79 -0.05
CA TYR A 56 -12.63 -8.56 1.25
C TYR A 56 -11.54 -8.53 2.27
N VAL A 57 -11.78 -7.78 3.34
CA VAL A 57 -10.88 -7.75 4.45
C VAL A 57 -11.70 -7.67 5.72
N THR A 58 -11.39 -8.50 6.72
CA THR A 58 -12.10 -8.43 7.96
C THR A 58 -11.21 -8.65 9.18
N ASP A 59 -11.55 -8.02 10.29
CA ASP A 59 -11.00 -8.40 11.59
C ASP A 59 -11.91 -9.38 12.34
N ALA A 60 -12.81 -10.02 11.58
CA ALA A 60 -13.79 -10.95 12.11
C ALA A 60 -14.83 -10.28 12.97
N ALA A 61 -14.85 -8.94 13.02
CA ALA A 61 -15.98 -8.17 13.55
C ALA A 61 -16.68 -7.37 12.45
N GLU A 62 -15.91 -6.56 11.75
CA GLU A 62 -16.41 -5.75 10.67
C GLU A 62 -15.79 -6.24 9.38
N LEU A 63 -16.37 -5.79 8.28
CA LEU A 63 -15.99 -6.27 6.96
C LEU A 63 -15.88 -5.09 6.00
N TRP A 64 -14.77 -5.06 5.26
CA TRP A 64 -14.51 -4.12 4.18
C TRP A 64 -14.42 -4.86 2.82
N SER A 65 -14.88 -4.20 1.76
CA SER A 65 -14.96 -4.78 0.44
C SER A 65 -14.60 -3.79 -0.64
N THR A 66 -14.12 -4.29 -1.78
CA THR A 66 -13.98 -3.47 -2.98
C THR A 66 -15.32 -2.92 -3.47
N CYS A 67 -16.39 -3.67 -3.24
CA CYS A 67 -17.74 -3.33 -3.72
C CYS A 67 -17.77 -3.03 -5.19
N PHE A 68 -17.34 -3.97 -6.01
CA PHE A 68 -17.26 -3.79 -7.45
C PHE A 68 -18.60 -3.92 -8.10
N THR A 69 -18.78 -3.22 -9.22
CA THR A 69 -19.78 -3.56 -10.22
C THR A 69 -19.04 -3.97 -11.48
N PRO A 70 -19.71 -4.65 -12.41
CA PRO A 70 -19.03 -5.10 -13.62
C PRO A 70 -18.28 -3.96 -14.31
N ASP A 71 -18.93 -2.82 -14.42
CA ASP A 71 -18.29 -1.67 -15.03
C ASP A 71 -17.10 -1.16 -14.23
N SER A 72 -17.25 -1.08 -12.92
CA SER A 72 -16.22 -0.45 -12.06
C SER A 72 -14.99 -1.35 -11.99
N LEU A 73 -15.23 -2.64 -12.04
CA LEU A 73 -14.16 -3.59 -12.06
C LEU A 73 -13.47 -3.51 -13.42
N ALA A 74 -14.26 -3.51 -14.49
CA ALA A 74 -13.71 -3.32 -15.84
C ALA A 74 -12.83 -2.07 -15.93
N ALA A 75 -13.31 -0.99 -15.33
CA ALA A 75 -12.62 0.28 -15.34
C ALA A 75 -11.38 0.27 -14.47
N LEU A 76 -11.26 -0.68 -13.57
CA LEU A 76 -10.05 -0.79 -12.77
C LEU A 76 -9.06 -1.68 -13.52
N LYS A 77 -9.57 -2.75 -14.10
CA LYS A 77 -8.82 -3.55 -15.06
C LYS A 77 -8.45 -2.74 -16.29
N ALA A 78 -9.08 -1.58 -16.43
CA ALA A 78 -8.63 -0.56 -17.36
C ALA A 78 -7.41 0.14 -16.74
N ARG A 79 -7.65 0.93 -15.71
CA ARG A 79 -6.67 1.89 -15.17
C ARG A 79 -5.26 1.36 -15.05
N PHE A 80 -5.14 0.06 -14.85
CA PHE A 80 -3.88 -0.65 -15.03
C PHE A 80 -4.34 -2.00 -15.56
N GLY A 81 -3.46 -2.99 -15.65
CA GLY A 81 -3.96 -4.32 -15.84
C GLY A 81 -4.21 -4.53 -17.32
N LEU A 82 -3.85 -5.72 -17.76
CA LEU A 82 -3.65 -6.02 -19.15
C LEU A 82 -4.85 -6.84 -19.57
N SER A 83 -5.47 -6.40 -20.65
CA SER A 83 -6.81 -6.81 -21.03
C SER A 83 -7.69 -6.47 -19.84
N ALA A 84 -8.97 -6.28 -20.14
CA ALA A 84 -10.07 -6.30 -19.19
C ALA A 84 -10.67 -7.72 -19.22
N ALA A 85 -10.12 -8.57 -20.09
CA ALA A 85 -10.46 -9.99 -20.09
C ALA A 85 -9.82 -10.80 -18.95
N ASP A 87 -8.26 -12.27 -15.29
CA ASP A 87 -8.60 -12.44 -13.86
C ASP A 87 -7.62 -11.71 -12.94
N ILE A 88 -8.09 -11.29 -11.76
CA ILE A 88 -7.18 -10.73 -10.72
C ILE A 88 -6.83 -11.77 -9.66
N THR A 89 -7.73 -12.75 -9.51
CA THR A 89 -7.52 -13.80 -8.56
C THR A 89 -6.07 -14.34 -8.60
N PRO A 90 -5.56 -14.76 -9.78
CA PRO A 90 -4.20 -15.28 -9.79
C PRO A 90 -3.18 -14.34 -9.17
N ARG A 91 -3.35 -13.03 -9.35
CA ARG A 91 -2.38 -12.07 -8.80
C ARG A 91 -2.58 -11.79 -7.32
N PHE A 92 -3.80 -11.94 -6.84
CA PHE A 92 -4.05 -11.83 -5.41
C PHE A 92 -3.53 -13.12 -4.77
N ARG A 93 -3.74 -14.24 -5.46
CA ARG A 93 -3.24 -15.53 -4.98
C ARG A 93 -1.75 -15.44 -4.84
N ALA A 94 -1.11 -14.84 -5.83
CA ALA A 94 0.31 -14.60 -5.80
C ALA A 94 0.70 -13.88 -4.52
N ALA A 95 0.26 -12.63 -4.35
CA ALA A 95 0.64 -11.82 -3.19
C ALA A 95 0.34 -12.49 -1.84
N CYS A 96 -0.70 -13.31 -1.79
CA CYS A 96 -1.02 -14.09 -0.57
C CYS A 96 0.08 -15.08 -0.31
N GLU A 97 0.25 -16.02 -1.24
CA GLU A 97 1.33 -17.01 -1.21
C GLU A 97 2.70 -16.41 -0.85
N GLN A 98 2.88 -15.14 -1.20
CA GLN A 98 4.16 -14.48 -1.17
C GLN A 98 4.21 -13.40 -0.07
N GLN A 99 3.25 -13.43 0.86
CA GLN A 99 3.30 -12.52 2.01
C GLN A 99 3.42 -11.03 1.60
N ALA A 100 2.76 -10.63 0.51
CA ALA A 100 3.07 -9.34 -0.13
C ALA A 100 1.89 -8.36 -0.10
N VAL A 101 1.17 -8.30 1.01
CA VAL A 101 -0.09 -7.54 1.07
C VAL A 101 -0.06 -6.50 2.18
N ALA A 102 -0.08 -5.24 1.81
CA ALA A 102 -0.16 -4.16 2.78
C ALA A 102 -1.62 -3.75 2.92
N LEU A 103 -1.95 -3.16 4.05
CA LEU A 103 -3.31 -2.86 4.36
C LEU A 103 -3.36 -1.66 5.25
N THR A 104 -4.30 -0.77 4.99
CA THR A 104 -4.49 0.39 5.83
C THR A 104 -5.98 0.54 6.08
N LEU A 105 -6.36 0.73 7.33
CA LEU A 105 -7.78 0.95 7.64
C LEU A 105 -7.94 2.28 8.29
N GLN A 106 -9.07 2.91 8.03
CA GLN A 106 -9.59 3.94 8.90
C GLN A 106 -11.03 4.18 8.51
N GLU A 107 -11.87 4.52 9.46
CA GLU A 107 -13.06 5.30 9.19
C GLU A 107 -13.98 4.74 8.10
N ASP A 108 -14.24 3.44 8.11
CA ASP A 108 -15.13 2.89 7.10
C ASP A 108 -14.50 3.15 5.75
N ARG A 109 -13.19 3.21 5.74
CA ARG A 109 -12.45 3.31 4.53
C ARG A 109 -11.20 2.51 4.78
N ALA A 110 -10.70 1.84 3.75
CA ALA A 110 -9.54 1.00 3.85
C ALA A 110 -8.88 0.94 2.50
N SER A 111 -7.69 0.38 2.46
CA SER A 111 -7.01 0.18 1.20
C SER A 111 -6.16 -1.05 1.32
N LEU A 112 -5.99 -1.74 0.21
CA LEU A 112 -5.26 -2.96 0.19
C LEU A 112 -4.30 -2.91 -1.02
N THR A 113 -3.05 -3.27 -0.78
CA THR A 113 -2.04 -3.14 -1.82
C THR A 113 -1.40 -4.49 -2.10
N LEU A 114 -1.43 -4.89 -3.36
CA LEU A 114 -0.77 -6.10 -3.82
C LEU A 114 0.58 -5.74 -4.42
N SER A 115 1.65 -6.30 -3.86
CA SER A 115 3.03 -6.03 -4.29
C SER A 115 3.70 -7.23 -4.93
N GLY A 116 2.94 -8.04 -5.67
CA GLY A 116 3.50 -9.16 -6.40
C GLY A 116 4.22 -8.77 -7.70
N GLY A 117 3.48 -8.14 -8.62
CA GLY A 117 3.74 -8.24 -10.07
C GLY A 117 4.45 -7.11 -10.80
N PRO A 118 4.08 -6.90 -12.10
CA PRO A 118 4.71 -5.85 -12.89
C PRO A 118 4.58 -4.48 -12.26
N SER A 119 3.39 -4.12 -11.80
CA SER A 119 3.22 -2.91 -11.03
C SER A 119 2.34 -3.18 -9.81
N ALA A 120 2.56 -2.41 -8.76
CA ALA A 120 1.81 -2.56 -7.54
C ALA A 120 0.39 -2.11 -7.78
N LEU A 121 -0.57 -2.91 -7.30
CA LEU A 121 -2.00 -2.60 -7.41
C LEU A 121 -2.58 -2.15 -6.07
N ALA A 122 -3.42 -1.15 -6.12
CA ALA A 122 -4.06 -0.61 -4.94
C ALA A 122 -5.58 -0.70 -5.11
N PHE A 123 -6.27 -1.05 -4.02
CA PHE A 123 -7.72 -1.24 -4.02
C PHE A 123 -8.37 -0.46 -2.93
N ASP A 124 -9.34 0.36 -3.28
CA ASP A 124 -10.09 1.05 -2.29
C ASP A 124 -11.16 0.13 -1.81
N LEU A 125 -11.27 0.02 -0.50
CA LEU A 125 -12.27 -0.81 0.14
C LEU A 125 -13.09 0.03 1.04
N SER A 126 -14.40 -0.17 1.04
CA SER A 126 -15.26 0.54 1.99
C SER A 126 -15.96 -0.45 2.93
N LYS A 127 -16.41 0.07 4.06
CA LYS A 127 -16.98 -0.74 5.09
C LYS A 127 -18.36 -1.21 4.67
N VAL A 128 -18.61 -2.48 4.86
CA VAL A 128 -19.89 -3.09 4.56
C VAL A 128 -20.80 -2.97 5.81
N PRO A 129 -21.98 -2.37 5.65
CA PRO A 129 -22.93 -2.31 6.75
C PRO A 129 -23.21 -3.66 7.37
N GLY A 130 -23.44 -3.63 8.67
CA GLY A 130 -23.63 -4.84 9.48
C GLY A 130 -24.60 -5.88 8.90
N PRO A 131 -25.75 -5.42 8.40
CA PRO A 131 -26.73 -6.41 8.06
C PRO A 131 -26.29 -7.13 6.83
N GLU A 132 -25.56 -6.42 5.98
CA GLU A 132 -25.04 -7.01 4.76
C GLU A 132 -23.80 -7.84 5.04
N ALA A 133 -23.07 -7.49 6.09
CA ALA A 133 -21.81 -8.17 6.39
C ALA A 133 -22.04 -9.48 7.13
N ALA A 134 -23.02 -9.49 8.01
CA ALA A 134 -23.19 -10.64 8.90
C ALA A 134 -23.24 -11.98 8.16
N PRO A 135 -24.15 -12.13 7.20
CA PRO A 135 -24.18 -13.44 6.52
C PRO A 135 -22.88 -13.80 5.84
N ARG A 136 -22.21 -12.82 5.24
CA ARG A 136 -20.84 -13.05 4.71
C ARG A 136 -19.82 -13.51 5.75
N LEU A 137 -19.79 -12.85 6.92
CA LEU A 137 -18.90 -13.31 7.99
C LEU A 137 -19.26 -14.70 8.50
N ARG A 138 -20.54 -14.94 8.65
CA ARG A 138 -21.04 -16.22 9.10
C ARG A 138 -20.58 -17.32 8.14
N ALA A 139 -20.79 -17.08 6.86
CA ALA A 139 -20.44 -18.06 5.83
C ALA A 139 -18.94 -18.26 5.76
N LEU A 140 -18.20 -17.17 5.90
CA LEU A 140 -16.75 -17.25 5.91
C LEU A 140 -16.26 -18.17 7.03
N THR A 141 -16.79 -17.98 8.22
CA THR A 141 -16.35 -18.77 9.33
C THR A 141 -16.62 -20.24 9.08
N LEU A 142 -17.84 -20.56 8.68
CA LEU A 142 -18.23 -21.96 8.51
C LEU A 142 -17.39 -22.57 7.40
N GLY A 143 -17.18 -21.80 6.35
CA GLY A 143 -16.42 -22.26 5.21
C GLY A 143 -15.01 -22.58 5.56
N LEU A 144 -14.38 -21.72 6.32
CA LEU A 144 -13.01 -21.97 6.74
C LEU A 144 -12.95 -23.26 7.58
N ALA A 145 -13.96 -23.49 8.40
CA ALA A 145 -13.95 -24.65 9.26
C ALA A 145 -13.96 -25.90 8.39
N LYS A 146 -14.86 -25.93 7.42
CA LYS A 146 -14.96 -27.05 6.50
C LYS A 146 -13.65 -27.27 5.75
N ARG A 147 -13.00 -26.17 5.36
CA ARG A 147 -11.73 -26.27 4.64
C ARG A 147 -10.62 -26.82 5.48
N VAL A 148 -10.63 -26.55 6.77
CA VAL A 148 -9.56 -27.05 7.63
C VAL A 148 -9.68 -28.56 7.80
N TRP A 149 -10.89 -29.02 8.08
CA TRP A 149 -11.20 -30.43 8.17
C TRP A 149 -10.73 -31.13 6.91
N SER A 150 -11.25 -30.71 5.76
CA SER A 150 -10.95 -31.38 4.51
C SER A 150 -9.47 -31.24 4.08
N LEU A 151 -8.75 -30.22 4.56
CA LEU A 151 -7.35 -30.11 4.22
C LEU A 151 -6.52 -31.12 4.98
N GLU A 152 -6.75 -31.23 6.28
CA GLU A 152 -6.04 -32.23 7.06
C GLU A 152 -6.34 -33.67 6.63
N ARG A 153 -7.55 -33.92 6.16
CA ARG A 153 -7.87 -35.20 5.52
C ARG A 153 -6.90 -35.40 4.35
N ARG A 154 -6.82 -34.41 3.47
CA ARG A 154 -5.93 -34.51 2.31
C ARG A 154 -4.44 -34.32 2.63
N LEU A 155 -4.08 -34.07 3.89
CA LEU A 155 -2.67 -34.08 4.32
C LEU A 155 -2.34 -35.26 5.26
N ALA A 156 -3.37 -35.83 5.88
CA ALA A 156 -3.24 -37.16 6.50
C ALA A 156 -2.68 -38.18 5.49
N ALA A 157 -2.91 -37.93 4.19
CA ALA A 157 -2.28 -38.66 3.08
C ALA A 157 -0.77 -38.92 3.31
N ALA A 158 0.00 -37.86 3.51
CA ALA A 158 1.47 -37.93 3.63
C ALA A 158 1.98 -37.71 5.06
N SER B 21 9.89 23.69 3.86
CA SER B 21 9.50 22.48 4.60
C SER B 21 9.13 21.30 3.66
N PRO B 22 10.12 20.66 2.98
CA PRO B 22 9.83 19.44 2.19
C PRO B 22 9.34 18.29 3.05
N PRO B 23 8.16 17.72 2.73
CA PRO B 23 7.50 16.79 3.62
C PRO B 23 8.28 15.50 3.79
N LEU B 24 8.07 14.84 4.93
CA LEU B 24 8.66 13.54 5.21
C LEU B 24 8.04 12.91 6.41
N CYS B 25 8.34 11.65 6.65
CA CYS B 25 7.84 10.95 7.80
C CYS B 25 8.68 9.70 8.02
N THR B 26 8.58 9.10 9.21
CA THR B 26 9.35 7.90 9.52
C THR B 26 8.45 6.71 9.74
N LEU B 27 9.03 5.54 9.74
CA LEU B 27 8.26 4.32 9.95
C LEU B 27 9.11 3.41 10.80
N PRO B 28 8.48 2.65 11.71
CA PRO B 28 7.04 2.54 11.89
C PRO B 28 6.49 3.73 12.67
N PRO B 29 5.14 3.86 12.73
CA PRO B 29 4.46 4.90 13.48
C PRO B 29 4.64 4.81 14.99
N GLY B 30 4.70 5.98 15.63
CA GLY B 30 4.49 6.07 17.06
C GLY B 30 5.73 5.91 17.92
N PRO B 31 5.68 5.02 18.91
CA PRO B 31 6.72 4.93 19.94
C PRO B 31 8.04 4.44 19.42
N GLU B 32 8.00 3.33 18.68
CA GLU B 32 9.19 2.49 18.52
C GLU B 32 10.31 3.24 17.77
N PRO B 33 11.53 2.67 17.74
CA PRO B 33 12.58 3.41 17.01
C PRO B 33 12.30 3.40 15.50
N PRO B 34 12.62 4.51 14.81
CA PRO B 34 12.36 4.65 13.39
C PRO B 34 13.31 3.78 12.59
N ARG B 35 12.76 3.12 11.60
CA ARG B 35 13.51 2.22 10.75
C ARG B 35 13.60 2.69 9.27
N PHE B 36 12.71 3.58 8.84
CA PHE B 36 12.68 4.10 7.48
C PHE B 36 12.26 5.52 7.50
N VAL B 37 12.74 6.27 6.52
CA VAL B 37 12.27 7.61 6.25
C VAL B 37 11.75 7.65 4.83
N CYS B 38 10.57 8.25 4.67
CA CYS B 38 9.98 8.50 3.37
C CYS B 38 9.96 10.00 3.19
N TYR B 39 10.33 10.43 1.99
CA TYR B 39 10.36 11.83 1.64
C TYR B 39 10.26 11.99 0.12
N CYS B 40 10.31 13.23 -0.37
CA CYS B 40 10.11 13.48 -1.79
C CYS B 40 10.80 14.76 -2.29
N GLU B 41 10.84 14.89 -3.61
CA GLU B 41 11.23 16.09 -4.28
C GLU B 41 10.68 15.93 -5.66
N GLY B 42 10.68 17.00 -6.45
CA GLY B 42 10.66 18.35 -5.97
C GLY B 42 9.80 19.09 -6.95
N GLU B 43 8.87 19.93 -6.49
CA GLU B 43 8.12 20.75 -7.41
C GLU B 43 8.23 22.16 -6.89
N GLU B 44 8.58 23.10 -7.74
CA GLU B 44 9.05 24.36 -7.25
C GLU B 44 8.71 25.59 -8.10
N ASP B 49 13.15 27.13 -11.39
CA ASP B 49 14.14 26.08 -11.50
C ASP B 49 13.63 24.80 -10.83
N ARG B 50 12.71 24.12 -11.49
CA ARG B 50 12.05 22.96 -10.90
C ARG B 50 12.57 21.64 -11.41
N GLY B 51 12.73 20.70 -10.49
CA GLY B 51 13.01 19.29 -10.82
C GLY B 51 11.74 18.46 -11.01
N GLY B 52 11.89 17.32 -11.68
CA GLY B 52 10.81 16.34 -11.76
C GLY B 52 10.58 15.64 -10.42
N PHE B 53 9.42 15.06 -10.29
CA PHE B 53 9.00 14.57 -9.01
C PHE B 53 9.41 13.13 -8.73
N ASN B 54 9.84 12.88 -7.49
CA ASN B 54 10.11 11.54 -7.03
C ASN B 54 9.86 11.38 -5.54
N LEU B 55 9.45 10.17 -5.13
CA LEU B 55 9.45 9.75 -3.73
C LEU B 55 10.66 8.91 -3.45
N TYR B 56 11.13 9.04 -2.23
CA TYR B 56 12.29 8.30 -1.77
C TYR B 56 11.96 7.61 -0.44
N VAL B 57 12.62 6.50 -0.22
CA VAL B 57 12.48 5.77 1.02
C VAL B 57 13.87 5.28 1.36
N THR B 58 14.31 5.47 2.60
CA THR B 58 15.58 4.90 3.02
C THR B 58 15.57 4.37 4.44
N ASP B 59 16.32 3.29 4.64
CA ASP B 59 16.66 2.85 5.98
C ASP B 59 18.01 3.39 6.41
N ALA B 60 18.48 4.43 5.71
CA ALA B 60 19.77 5.07 5.98
C ALA B 60 20.93 4.13 5.72
N ALA B 61 20.65 2.97 5.09
CA ALA B 61 21.69 2.13 4.48
C ALA B 61 21.57 2.14 2.95
N GLU B 62 20.37 1.86 2.48
CA GLU B 62 20.04 1.85 1.06
C GLU B 62 18.96 2.88 0.81
N LEU B 63 18.73 3.13 -0.46
CA LEU B 63 17.80 4.16 -0.89
C LEU B 63 17.03 3.62 -2.09
N TRP B 64 15.72 3.77 -1.98
CA TRP B 64 14.78 3.42 -3.00
C TRP B 64 14.07 4.67 -3.50
N SER B 65 13.74 4.66 -4.80
CA SER B 65 13.11 5.81 -5.46
C SER B 65 12.06 5.36 -6.47
N THR B 66 11.09 6.23 -6.71
CA THR B 66 10.13 6.01 -7.78
C THR B 66 10.81 5.98 -9.12
N CYS B 67 11.91 6.72 -9.23
CA CYS B 67 12.69 6.81 -10.46
C CYS B 67 11.82 7.12 -11.64
N PHE B 68 11.07 8.20 -11.52
CA PHE B 68 10.04 8.47 -12.49
C PHE B 68 10.67 8.98 -13.78
N THR B 69 10.01 8.68 -14.89
CA THR B 69 10.23 9.37 -16.12
C THR B 69 8.97 10.15 -16.39
N PRO B 70 9.06 11.14 -17.28
CA PRO B 70 7.84 11.89 -17.63
C PRO B 70 6.64 11.01 -17.98
N ASP B 71 6.86 10.01 -18.81
CA ASP B 71 5.79 9.10 -19.16
C ASP B 71 5.28 8.26 -17.98
N SER B 72 6.20 7.74 -17.15
CA SER B 72 5.85 6.80 -16.08
C SER B 72 5.12 7.54 -14.96
N LEU B 73 5.48 8.80 -14.76
CA LEU B 73 4.80 9.64 -13.80
C LEU B 73 3.42 10.00 -14.33
N ALA B 74 3.37 10.43 -15.60
CA ALA B 74 2.09 10.68 -16.25
C ALA B 74 1.16 9.46 -16.16
N ALA B 75 1.69 8.26 -16.42
CA ALA B 75 0.91 7.03 -16.40
C ALA B 75 0.45 6.62 -14.99
N LEU B 76 1.08 7.19 -13.97
CA LEU B 76 0.64 6.97 -12.61
C LEU B 76 -0.41 8.03 -12.22
N LYS B 77 -0.16 9.28 -12.58
CA LYS B 77 -1.18 10.33 -12.54
C LYS B 77 -2.35 9.99 -13.47
N ALA B 78 -2.17 8.98 -14.32
CA ALA B 78 -3.26 8.35 -15.04
C ALA B 78 -3.99 7.46 -14.08
N ARG B 79 -3.36 6.34 -13.72
CA ARG B 79 -4.04 5.29 -12.94
C ARG B 79 -4.91 5.84 -11.79
N PHE B 80 -4.65 7.08 -11.38
CA PHE B 80 -5.42 7.80 -10.37
C PHE B 80 -5.83 9.22 -10.84
N GLY B 81 -6.14 10.08 -9.88
CA GLY B 81 -6.93 11.26 -10.18
C GLY B 81 -6.41 12.40 -11.02
N LEU B 82 -5.12 12.70 -10.90
CA LEU B 82 -4.68 14.06 -11.16
C LEU B 82 -4.32 14.35 -12.61
N SER B 83 -4.49 15.62 -12.95
CA SER B 83 -3.89 16.18 -14.15
C SER B 83 -2.36 16.28 -14.00
N ALA B 84 -1.67 16.18 -15.13
CA ALA B 84 -0.21 16.30 -15.11
C ALA B 84 0.28 17.67 -14.62
N ALA B 85 -0.61 18.67 -14.62
CA ALA B 85 -0.33 19.94 -13.97
C ALA B 85 -0.43 19.86 -12.43
N ASP B 87 0.56 18.90 -8.78
CA ASP B 87 1.62 18.43 -7.91
C ASP B 87 1.14 17.20 -7.13
N ILE B 88 2.05 16.29 -6.77
CA ILE B 88 1.75 15.19 -5.81
C ILE B 88 2.21 15.56 -4.37
N THR B 89 3.20 16.44 -4.28
CA THR B 89 3.73 16.85 -3.00
C THR B 89 2.63 17.14 -1.96
N PRO B 90 1.65 17.99 -2.28
CA PRO B 90 0.60 18.23 -1.29
C PRO B 90 -0.05 16.96 -0.77
N ARG B 91 -0.24 15.95 -1.61
CA ARG B 91 -0.90 14.73 -1.15
C ARG B 91 -0.01 13.75 -0.40
N PHE B 92 1.28 13.81 -0.69
CA PHE B 92 2.25 13.06 0.09
C PHE B 92 2.41 13.80 1.43
N ARG B 93 2.39 15.14 1.38
CA ARG B 93 2.50 15.95 2.60
C ARG B 93 1.35 15.54 3.49
N ALA B 94 0.20 15.38 2.88
CA ALA B 94 -1.01 14.97 3.59
C ALA B 94 -0.75 13.69 4.36
N ALA B 95 -0.52 12.61 3.65
CA ALA B 95 -0.33 11.30 4.30
C ALA B 95 0.79 11.29 5.37
N CYS B 96 1.79 12.13 5.19
CA CYS B 96 2.88 12.25 6.16
C CYS B 96 2.29 12.84 7.43
N GLU B 97 1.80 14.07 7.33
CA GLU B 97 1.15 14.77 8.45
C GLU B 97 0.19 13.84 9.21
N GLN B 98 -0.35 12.85 8.51
CA GLN B 98 -1.47 12.08 8.97
C GLN B 98 -1.06 10.62 9.21
N GLN B 99 0.25 10.40 9.22
CA GLN B 99 0.82 9.09 9.49
C GLN B 99 0.13 7.95 8.72
N ALA B 100 -0.12 8.19 7.44
CA ALA B 100 -0.99 7.34 6.61
C ALA B 100 -0.25 6.63 5.48
N VAL B 101 0.94 6.12 5.78
CA VAL B 101 1.83 5.61 4.76
C VAL B 101 2.23 4.16 5.00
N ALA B 102 1.80 3.26 4.15
CA ALA B 102 2.23 1.88 4.24
C ALA B 102 3.43 1.64 3.31
N LEU B 103 4.21 0.59 3.58
CA LEU B 103 5.45 0.35 2.85
C LEU B 103 5.78 -1.13 2.85
N THR B 104 6.23 -1.65 1.73
CA THR B 104 6.55 -3.05 1.61
C THR B 104 7.72 -3.21 0.70
N LEU B 105 8.74 -3.93 1.12
CA LEU B 105 9.87 -4.21 0.26
C LEU B 105 10.01 -5.70 0.09
N GLN B 106 10.37 -6.13 -1.12
CA GLN B 106 10.88 -7.45 -1.41
C GLN B 106 12.08 -7.15 -2.29
N GLU B 107 13.08 -8.02 -2.24
CA GLU B 107 14.28 -7.90 -3.09
C GLU B 107 14.30 -6.69 -4.04
N ALA B 110 10.40 -2.67 -3.81
CA ALA B 110 9.59 -1.99 -2.82
C ALA B 110 8.33 -1.32 -3.37
N SER B 111 7.42 -0.95 -2.46
CA SER B 111 6.21 -0.24 -2.81
C SER B 111 5.76 0.64 -1.66
N LEU B 112 5.13 1.76 -1.97
CA LEU B 112 4.74 2.74 -0.99
C LEU B 112 3.26 3.12 -1.26
N THR B 113 2.43 3.21 -0.21
CA THR B 113 1.00 3.47 -0.38
C THR B 113 0.57 4.65 0.45
N LEU B 114 -0.02 5.63 -0.22
CA LEU B 114 -0.56 6.82 0.45
C LEU B 114 -2.04 6.62 0.63
N SER B 115 -2.49 6.68 1.88
CA SER B 115 -3.87 6.40 2.24
C SER B 115 -4.46 7.60 2.88
N GLY B 116 -3.74 8.71 2.92
CA GLY B 116 -4.36 9.89 3.51
C GLY B 116 -5.62 10.23 2.73
N GLY B 117 -5.48 10.42 1.42
CA GLY B 117 -6.48 11.14 0.63
C GLY B 117 -7.71 10.34 0.27
N PRO B 118 -8.47 10.80 -0.75
CA PRO B 118 -9.75 10.14 -1.12
C PRO B 118 -9.50 8.76 -1.69
N SER B 119 -8.65 8.71 -2.68
CA SER B 119 -8.32 7.47 -3.33
C SER B 119 -6.99 7.11 -2.70
N ALA B 120 -6.66 5.82 -2.76
CA ALA B 120 -5.33 5.34 -2.40
C ALA B 120 -4.36 5.24 -3.58
N LEU B 121 -3.15 5.74 -3.36
CA LEU B 121 -2.09 5.69 -4.37
C LEU B 121 -1.02 4.68 -4.01
N ALA B 122 -0.55 3.94 -5.01
CA ALA B 122 0.51 2.98 -4.86
C ALA B 122 1.67 3.34 -5.82
N PHE B 123 2.90 3.27 -5.30
CA PHE B 123 4.10 3.70 -6.01
C PHE B 123 5.09 2.56 -6.04
N ASP B 124 5.61 2.24 -7.20
CA ASP B 124 6.69 1.28 -7.27
C ASP B 124 8.00 2.01 -7.04
N LEU B 125 8.84 1.45 -6.18
CA LEU B 125 10.14 1.99 -5.92
C LEU B 125 11.18 0.96 -6.19
N SER B 126 12.27 1.37 -6.82
CA SER B 126 13.45 0.52 -7.04
C SER B 126 14.72 1.13 -6.42
N LYS B 127 15.73 0.29 -6.23
CA LYS B 127 16.96 0.69 -5.62
C LYS B 127 17.73 1.69 -6.46
N VAL B 128 18.25 2.68 -5.76
CA VAL B 128 19.13 3.61 -6.36
C VAL B 128 20.51 3.05 -6.21
N PRO B 129 21.26 2.96 -7.32
CA PRO B 129 22.66 2.52 -7.26
C PRO B 129 23.52 3.31 -6.26
N GLY B 130 24.43 2.60 -5.64
CA GLY B 130 25.28 3.12 -4.59
C GLY B 130 25.94 4.45 -4.87
N PRO B 131 26.49 4.57 -6.07
CA PRO B 131 27.26 5.78 -6.28
C PRO B 131 26.40 7.01 -6.30
N GLU B 132 25.14 6.83 -6.68
CA GLU B 132 24.18 7.92 -6.64
C GLU B 132 23.58 8.05 -5.25
N ALA B 133 23.43 6.95 -4.54
CA ALA B 133 22.62 6.93 -3.33
C ALA B 133 23.41 7.50 -2.18
N ALA B 134 24.66 7.12 -2.08
CA ALA B 134 25.51 7.59 -1.04
C ALA B 134 25.51 9.10 -0.87
N PRO B 135 25.83 9.86 -1.93
CA PRO B 135 25.81 11.32 -1.74
C PRO B 135 24.43 11.84 -1.36
N ARG B 136 23.37 11.27 -1.94
CA ARG B 136 22.01 11.63 -1.48
C ARG B 136 21.76 11.37 0.01
N LEU B 137 22.20 10.22 0.50
CA LEU B 137 22.06 9.94 1.93
C LEU B 137 22.87 10.90 2.80
N ARG B 138 24.08 11.16 2.37
CA ARG B 138 24.95 12.07 3.10
C ARG B 138 24.31 13.45 3.23
N ALA B 139 23.80 13.92 2.12
CA ALA B 139 23.20 15.24 2.06
C ALA B 139 21.93 15.28 2.86
N LEU B 140 21.18 14.19 2.79
CA LEU B 140 19.95 14.05 3.57
C LEU B 140 20.23 14.18 5.07
N THR B 141 21.26 13.48 5.54
CA THR B 141 21.63 13.56 6.93
C THR B 141 21.98 14.99 7.36
N LEU B 142 22.85 15.65 6.59
CA LEU B 142 23.29 16.98 6.96
C LEU B 142 22.11 17.94 6.95
N GLY B 143 21.28 17.83 5.93
CA GLY B 143 20.13 18.68 5.78
C GLY B 143 19.17 18.54 6.95
N LEU B 144 18.94 17.32 7.38
CA LEU B 144 18.03 17.11 8.50
C LEU B 144 18.60 17.75 9.74
N ALA B 145 19.90 17.65 9.91
CA ALA B 145 20.53 18.22 11.09
C ALA B 145 20.30 19.73 11.12
N LYS B 146 20.55 20.41 9.99
CA LYS B 146 20.30 21.86 9.87
C LYS B 146 18.83 22.18 10.18
N ARG B 147 17.92 21.35 9.69
CA ARG B 147 16.49 21.60 9.88
C ARG B 147 16.08 21.47 11.33
N VAL B 148 16.74 20.60 12.07
CA VAL B 148 16.37 20.39 13.45
C VAL B 148 16.80 21.62 14.24
N TRP B 149 18.02 22.04 14.03
CA TRP B 149 18.51 23.24 14.65
C TRP B 149 17.55 24.39 14.37
N SER B 150 17.29 24.66 13.11
CA SER B 150 16.38 25.76 12.70
C SER B 150 14.95 25.66 13.25
N LEU B 151 14.46 24.44 13.40
CA LEU B 151 13.09 24.24 13.89
C LEU B 151 13.01 24.61 15.37
N GLU B 152 13.94 24.11 16.17
CA GLU B 152 13.94 24.43 17.59
C GLU B 152 14.22 25.90 17.89
N ARG B 153 15.02 26.56 17.06
CA ARG B 153 15.17 28.02 17.12
C ARG B 153 13.81 28.72 16.91
N ARG B 154 13.08 28.29 15.90
CA ARG B 154 11.72 28.78 15.68
C ARG B 154 10.68 28.18 16.66
N LEU B 155 11.13 27.41 17.66
CA LEU B 155 10.23 26.94 18.72
C LEU B 155 10.35 27.84 19.96
N ALA B 156 11.45 28.57 20.09
CA ALA B 156 11.59 29.64 21.09
C ALA B 156 10.48 30.69 20.94
N ALA B 157 10.03 30.89 19.70
CA ALA B 157 8.75 31.52 19.43
C ALA B 157 7.61 30.57 19.73
#